data_2J80
#
_entry.id   2J80
#
_cell.length_a   53.210
_cell.length_b   54.790
_cell.length_c   116.330
_cell.angle_alpha   90.00
_cell.angle_beta   90.00
_cell.angle_gamma   90.00
#
_symmetry.space_group_name_H-M   'P 21 21 21'
#
loop_
_entity.id
_entity.type
_entity.pdbx_description
1 polymer 'SENSOR KINASE CITA'
2 non-polymer 'CITRATE ANION'
3 non-polymer 'SODIUM ION'
4 non-polymer 'SULFATE ION'
5 non-polymer GLYCEROL
6 water water
#
_entity_poly.entity_id   1
_entity_poly.type   'polypeptide(L)'
_entity_poly.pdbx_seq_one_letter_code
;GH(MSE)DITEERLHYQVGQRALIQA(MSE)QISA(MSE)PELVEAVQKRDLARIKALIDP(MSE)RSFSDATYITVGDA
SGQRLYHVNPDEIGKS(MSE)EGGDSDEALINAKSYVSVRKGSLGSSLRGKSPIQDATGKVIGIVSVGYTIEQLE
;
_entity_poly.pdbx_strand_id   A,B
#
loop_
_chem_comp.id
_chem_comp.type
_chem_comp.name
_chem_comp.formula
FLC non-polymer 'CITRATE ANION' 'C6 H5 O7 -3'
GOL non-polymer GLYCEROL 'C3 H8 O3'
NA non-polymer 'SODIUM ION' 'Na 1'
SO4 non-polymer 'SULFATE ION' 'O4 S -2'
#
# COMPACT_ATOMS: atom_id res chain seq x y z
N THR A 6 11.98 21.30 -10.13
CA THR A 6 10.70 20.83 -10.76
C THR A 6 10.94 19.54 -11.54
N GLU A 7 10.07 18.55 -11.29
CA GLU A 7 10.08 17.27 -12.01
C GLU A 7 8.94 17.24 -13.04
N GLU A 8 9.20 16.60 -14.19
CA GLU A 8 8.20 16.36 -15.21
C GLU A 8 7.00 15.57 -14.60
N ARG A 9 5.79 15.84 -15.12
CA ARG A 9 4.55 15.27 -14.54
C ARG A 9 4.57 13.74 -14.34
N LEU A 10 4.92 12.98 -15.37
CA LEU A 10 4.90 11.52 -15.21
C LEU A 10 5.96 11.01 -14.22
N HIS A 11 7.16 11.62 -14.27
CA HIS A 11 8.27 11.35 -13.33
C HIS A 11 7.78 11.52 -11.88
N TYR A 12 7.13 12.65 -11.63
CA TYR A 12 6.64 12.94 -10.29
C TYR A 12 5.56 11.93 -9.87
N GLN A 13 4.57 11.73 -10.75
CA GLN A 13 3.40 10.88 -10.41
C GLN A 13 3.83 9.41 -10.15
N VAL A 14 4.72 8.88 -10.99
CA VAL A 14 5.19 7.49 -10.78
C VAL A 14 6.06 7.38 -9.49
N GLY A 15 6.96 8.35 -9.27
CA GLY A 15 7.73 8.43 -7.99
C GLY A 15 6.83 8.45 -6.73
N GLN A 16 5.75 9.23 -6.79
CA GLN A 16 4.82 9.36 -5.66
C GLN A 16 4.18 8.01 -5.35
N ARG A 17 3.72 7.29 -6.38
CA ARG A 17 3.05 6.02 -6.03
C ARG A 17 4.02 4.91 -5.64
N ALA A 18 5.24 4.97 -6.19
CA ALA A 18 6.33 4.07 -5.76
C ALA A 18 6.70 4.31 -4.29
N LEU A 19 6.82 5.60 -3.91
CA LEU A 19 7.20 5.95 -2.54
C LEU A 19 6.13 5.53 -1.50
N ILE A 20 4.88 5.89 -1.79
CA ILE A 20 3.76 5.51 -0.91
C ILE A 20 3.61 3.98 -0.76
N GLN A 21 3.78 3.22 -1.85
CA GLN A 21 3.74 1.77 -1.70
C GLN A 21 4.86 1.30 -0.76
N ALA A 22 6.08 1.81 -0.95
CA ALA A 22 7.20 1.35 -0.09
C ALA A 22 6.97 1.73 1.40
N MSE A 23 6.47 2.94 1.65
CA MSE A 23 6.19 3.36 3.04
C MSE A 23 5.09 2.50 3.70
O MSE A 23 5.22 2.08 4.87
CB MSE A 23 5.87 4.88 3.12
CG MSE A 23 7.03 5.73 2.66
SE MSE A 23 6.66 7.70 2.88
CE MSE A 23 5.22 7.84 1.94
N GLN A 24 4.01 2.24 2.96
CA GLN A 24 2.87 1.48 3.46
C GLN A 24 3.25 0.01 3.68
N ILE A 25 3.80 -0.62 2.65
CA ILE A 25 4.14 -2.04 2.75
C ILE A 25 5.18 -2.31 3.87
N SER A 26 6.19 -1.44 3.97
CA SER A 26 7.24 -1.64 4.99
C SER A 26 6.70 -1.56 6.44
N ALA A 27 5.55 -0.90 6.62
CA ALA A 27 4.90 -0.70 7.94
C ALA A 27 3.88 -1.79 8.31
N MSE A 28 3.64 -2.74 7.40
CA MSE A 28 2.63 -3.78 7.67
C MSE A 28 3.14 -4.72 8.80
O MSE A 28 4.20 -5.32 8.67
CB MSE A 28 2.32 -4.55 6.39
CG MSE A 28 1.69 -3.60 5.33
SE MSE A 28 1.16 -4.57 3.69
CE MSE A 28 0.07 -2.99 2.64
N PRO A 29 2.40 -4.83 9.94
CA PRO A 29 2.83 -5.72 11.04
C PRO A 29 3.21 -7.17 10.59
N GLU A 30 2.48 -7.71 9.60
CA GLU A 30 2.70 -9.07 9.06
C GLU A 30 4.14 -9.22 8.49
N LEU A 31 4.54 -8.19 7.73
CA LEU A 31 5.86 -8.20 7.08
C LEU A 31 6.96 -7.97 8.14
N VAL A 32 6.73 -7.04 9.07
CA VAL A 32 7.69 -6.87 10.18
C VAL A 32 8.00 -8.20 10.89
N GLU A 33 6.96 -8.97 11.22
CA GLU A 33 7.17 -10.24 11.92
C GLU A 33 7.88 -11.28 11.00
N ALA A 34 7.48 -11.35 9.74
CA ALA A 34 8.07 -12.35 8.84
C ALA A 34 9.58 -12.09 8.64
N VAL A 35 9.95 -10.81 8.56
CA VAL A 35 11.36 -10.40 8.45
C VAL A 35 12.14 -10.73 9.75
N GLN A 36 11.55 -10.40 10.92
CA GLN A 36 12.17 -10.78 12.21
C GLN A 36 12.48 -12.27 12.31
N LYS A 37 11.55 -13.10 11.85
CA LYS A 37 11.72 -14.55 11.89
C LYS A 37 12.52 -15.10 10.68
N ARG A 38 12.89 -14.23 9.72
CA ARG A 38 13.52 -14.66 8.44
C ARG A 38 12.75 -15.81 7.77
N ASP A 39 11.42 -15.69 7.72
CA ASP A 39 10.58 -16.71 7.14
C ASP A 39 10.33 -16.38 5.68
N LEU A 40 11.15 -16.95 4.78
CA LEU A 40 11.14 -16.56 3.36
C LEU A 40 9.79 -16.89 2.68
N ALA A 41 9.23 -18.06 3.01
CA ALA A 41 7.94 -18.48 2.46
C ALA A 41 6.84 -17.49 2.87
N ARG A 42 6.88 -17.03 4.12
CA ARG A 42 5.86 -16.08 4.62
C ARG A 42 6.01 -14.68 3.92
N ILE A 43 7.25 -14.24 3.77
CA ILE A 43 7.50 -13.02 2.96
C ILE A 43 6.92 -13.14 1.54
N LYS A 44 7.18 -14.29 0.89
CA LYS A 44 6.67 -14.50 -0.45
C LYS A 44 5.13 -14.44 -0.45
N ALA A 45 4.50 -15.12 0.51
CA ALA A 45 3.04 -15.13 0.59
C ALA A 45 2.41 -13.73 0.74
N LEU A 46 3.15 -12.80 1.35
CA LEU A 46 2.64 -11.43 1.59
C LEU A 46 2.92 -10.57 0.35
N ILE A 47 4.13 -10.69 -0.22
CA ILE A 47 4.54 -9.79 -1.32
C ILE A 47 3.97 -10.16 -2.70
N ASP A 48 3.84 -11.47 -3.00
CA ASP A 48 3.25 -11.89 -4.28
C ASP A 48 1.91 -11.14 -4.56
N PRO A 49 0.93 -11.20 -3.61
CA PRO A 49 -0.31 -10.41 -3.81
C PRO A 49 -0.09 -8.87 -3.94
N MSE A 50 0.79 -8.28 -3.13
CA MSE A 50 1.07 -6.84 -3.26
C MSE A 50 1.51 -6.49 -4.68
O MSE A 50 1.09 -5.47 -5.20
CB MSE A 50 2.11 -6.34 -2.26
CG MSE A 50 1.72 -6.59 -0.83
SE MSE A 50 0.22 -5.49 -0.23
CE MSE A 50 -1.16 -6.57 -0.27
N ARG A 51 2.35 -7.34 -5.32
CA ARG A 51 2.82 -7.10 -6.72
C ARG A 51 1.67 -7.28 -7.70
N SER A 52 0.81 -8.27 -7.45
CA SER A 52 -0.32 -8.53 -8.36
C SER A 52 -1.29 -7.34 -8.43
N PHE A 53 -1.33 -6.54 -7.36
CA PHE A 53 -2.25 -5.37 -7.22
C PHE A 53 -1.57 -4.03 -7.59
N SER A 54 -0.39 -4.09 -8.21
CA SER A 54 0.39 -2.89 -8.55
C SER A 54 0.87 -2.92 -10.02
N ASP A 55 1.09 -1.74 -10.59
CA ASP A 55 1.75 -1.65 -11.91
C ASP A 55 3.29 -1.55 -11.79
N ALA A 56 3.82 -1.65 -10.55
CA ALA A 56 5.28 -1.70 -10.38
C ALA A 56 5.93 -2.84 -11.16
N THR A 57 7.17 -2.63 -11.63
CA THR A 57 7.90 -3.70 -12.36
C THR A 57 8.34 -4.77 -11.33
N TYR A 58 8.78 -4.28 -10.17
CA TYR A 58 9.30 -5.20 -9.10
C TYR A 58 9.03 -4.66 -7.68
N ILE A 59 9.07 -5.58 -6.70
CA ILE A 59 9.22 -5.22 -5.30
C ILE A 59 10.32 -6.16 -4.74
N THR A 60 11.33 -5.54 -4.13
CA THR A 60 12.42 -6.25 -3.43
C THR A 60 12.30 -6.02 -1.91
N VAL A 61 12.50 -7.08 -1.11
CA VAL A 61 12.64 -6.96 0.35
C VAL A 61 14.07 -7.41 0.74
N GLY A 62 14.77 -6.59 1.50
CA GLY A 62 16.14 -6.88 1.98
C GLY A 62 16.15 -6.95 3.49
N ASP A 63 17.13 -7.68 4.05
CA ASP A 63 17.39 -7.63 5.49
C ASP A 63 18.20 -6.36 5.90
N ALA A 64 18.61 -6.29 7.18
CA ALA A 64 19.30 -5.08 7.73
C ALA A 64 20.65 -4.75 7.03
N SER A 65 21.24 -5.75 6.38
CA SER A 65 22.53 -5.58 5.67
C SER A 65 22.32 -5.46 4.13
N GLY A 66 21.07 -5.44 3.68
CA GLY A 66 20.79 -5.31 2.24
C GLY A 66 20.92 -6.63 1.44
N GLN A 67 20.94 -7.77 2.14
CA GLN A 67 20.83 -9.09 1.48
C GLN A 67 19.36 -9.34 1.12
N ARG A 68 19.10 -9.84 -0.10
CA ARG A 68 17.70 -10.01 -0.56
C ARG A 68 17.03 -11.17 0.14
N LEU A 69 15.86 -10.90 0.73
CA LEU A 69 14.95 -11.92 1.30
C LEU A 69 13.86 -12.31 0.31
N TYR A 70 13.59 -11.41 -0.66
CA TYR A 70 12.58 -11.61 -1.69
C TYR A 70 12.97 -10.78 -2.92
N HIS A 71 12.83 -11.39 -4.10
CA HIS A 71 13.07 -10.72 -5.40
C HIS A 71 12.13 -11.40 -6.42
N VAL A 72 11.77 -10.68 -7.50
CA VAL A 72 10.97 -11.27 -8.58
C VAL A 72 11.66 -12.50 -9.22
N ASN A 73 12.99 -12.51 -9.21
CA ASN A 73 13.75 -13.68 -9.73
C ASN A 73 14.30 -14.47 -8.53
N PRO A 74 13.78 -15.68 -8.27
CA PRO A 74 14.24 -16.40 -7.07
C PRO A 74 15.76 -16.65 -7.02
N ASP A 75 16.40 -16.76 -8.19
CA ASP A 75 17.89 -16.85 -8.25
C ASP A 75 18.64 -15.67 -7.61
N GLU A 76 17.95 -14.53 -7.38
CA GLU A 76 18.56 -13.33 -6.79
C GLU A 76 18.43 -13.25 -5.23
N ILE A 77 17.64 -14.17 -4.66
CA ILE A 77 17.46 -14.23 -3.22
C ILE A 77 18.76 -14.76 -2.56
N GLY A 78 19.20 -14.09 -1.50
CA GLY A 78 20.45 -14.45 -0.85
C GLY A 78 21.68 -13.68 -1.34
N LYS A 79 21.51 -12.88 -2.40
CA LYS A 79 22.56 -11.98 -2.95
C LYS A 79 22.31 -10.49 -2.56
N SER A 80 23.34 -9.65 -2.67
CA SER A 80 23.20 -8.24 -2.27
C SER A 80 22.30 -7.45 -3.23
N MSE A 81 21.50 -6.52 -2.69
CA MSE A 81 20.78 -5.54 -3.53
C MSE A 81 21.78 -4.73 -4.39
O MSE A 81 22.90 -4.50 -3.97
CB MSE A 81 19.87 -4.63 -2.65
CG MSE A 81 18.76 -5.44 -1.91
SE MSE A 81 17.86 -4.38 -0.55
CE MSE A 81 16.94 -3.03 -1.76
N GLU A 82 21.32 -4.26 -5.55
CA GLU A 82 22.20 -3.60 -6.54
C GLU A 82 21.72 -2.19 -6.87
N GLY A 83 22.69 -1.26 -6.96
CA GLY A 83 22.37 0.15 -7.22
C GLY A 83 23.13 1.13 -6.34
N GLY A 84 23.47 0.72 -5.11
CA GLY A 84 24.25 1.52 -4.13
C GLY A 84 23.49 2.64 -3.45
N ASP A 85 22.16 2.57 -3.50
CA ASP A 85 21.27 3.62 -2.97
C ASP A 85 20.32 3.15 -1.83
N SER A 86 20.78 2.20 -0.99
CA SER A 86 19.97 1.70 0.16
C SER A 86 20.41 2.20 1.57
N ASP A 87 21.62 2.79 1.68
CA ASP A 87 22.16 3.21 3.01
C ASP A 87 21.27 4.23 3.74
N GLU A 88 20.65 5.15 2.99
CA GLU A 88 19.90 6.23 3.70
C GLU A 88 18.69 5.61 4.43
N ALA A 89 18.12 4.56 3.83
CA ALA A 89 17.04 3.79 4.48
C ALA A 89 17.60 2.83 5.55
N LEU A 90 18.60 2.01 5.19
CA LEU A 90 19.12 0.98 6.14
C LEU A 90 19.79 1.57 7.41
N ILE A 91 20.49 2.70 7.25
CA ILE A 91 21.26 3.31 8.34
C ILE A 91 20.53 4.50 8.98
N ASN A 92 20.06 5.44 8.13
CA ASN A 92 19.41 6.68 8.66
C ASN A 92 17.88 6.63 8.79
N ALA A 93 17.30 5.49 8.37
CA ALA A 93 15.86 5.23 8.49
C ALA A 93 14.99 6.22 7.70
N LYS A 94 15.55 6.78 6.62
CA LYS A 94 14.81 7.67 5.72
C LYS A 94 14.03 6.93 4.63
N SER A 95 12.97 7.57 4.14
CA SER A 95 12.22 7.10 2.97
C SER A 95 12.39 8.12 1.81
N TYR A 96 12.53 7.63 0.58
CA TYR A 96 12.89 8.53 -0.54
C TYR A 96 12.72 7.86 -1.91
N VAL A 97 12.70 8.67 -2.98
CA VAL A 97 12.75 8.16 -4.35
C VAL A 97 14.19 8.28 -4.93
N SER A 98 14.58 7.29 -5.73
CA SER A 98 15.95 7.20 -6.24
C SER A 98 15.93 6.62 -7.67
N VAL A 99 16.96 6.91 -8.46
CA VAL A 99 17.12 6.30 -9.79
C VAL A 99 18.53 5.67 -9.94
N ARG A 100 18.58 4.38 -10.27
CA ARG A 100 19.84 3.60 -10.40
C ARG A 100 19.60 2.38 -11.29
N LYS A 101 20.70 1.77 -11.74
CA LYS A 101 20.66 0.52 -12.51
C LYS A 101 20.76 -0.66 -11.51
N GLY A 102 19.68 -1.42 -11.39
CA GLY A 102 19.67 -2.68 -10.58
C GLY A 102 19.89 -3.90 -11.48
N SER A 103 19.62 -5.12 -10.97
CA SER A 103 19.84 -6.32 -11.81
C SER A 103 18.90 -6.38 -13.04
N LEU A 104 17.75 -5.70 -12.94
CA LEU A 104 16.71 -5.63 -13.97
C LEU A 104 16.88 -4.50 -14.99
N GLY A 105 17.94 -3.72 -14.84
CA GLY A 105 18.15 -2.54 -15.70
C GLY A 105 17.84 -1.24 -14.96
N SER A 106 17.97 -0.11 -15.63
CA SER A 106 17.70 1.18 -15.00
C SER A 106 16.25 1.26 -14.50
N SER A 107 16.07 1.81 -13.29
CA SER A 107 14.72 1.99 -12.71
C SER A 107 14.62 3.16 -11.75
N LEU A 108 13.37 3.63 -11.60
CA LEU A 108 12.93 4.67 -10.64
C LEU A 108 12.33 3.88 -9.48
N ARG A 109 12.85 4.04 -8.26
CA ARG A 109 12.34 3.27 -7.12
C ARG A 109 12.09 4.06 -5.84
N GLY A 110 11.02 3.71 -5.09
CA GLY A 110 10.77 4.31 -3.79
C GLY A 110 11.25 3.29 -2.76
N LYS A 111 11.95 3.77 -1.73
CA LYS A 111 12.46 2.90 -0.66
C LYS A 111 12.06 3.39 0.74
N SER A 112 11.91 2.43 1.66
CA SER A 112 11.56 2.76 3.06
C SER A 112 12.07 1.63 3.96
N PRO A 113 12.57 1.99 5.16
CA PRO A 113 13.03 0.92 6.07
C PRO A 113 11.87 0.13 6.66
N ILE A 114 12.16 -1.11 7.06
CA ILE A 114 11.31 -1.93 7.92
C ILE A 114 11.92 -1.84 9.34
N GLN A 115 11.09 -1.54 10.35
CA GLN A 115 11.60 -1.35 11.71
C GLN A 115 10.84 -2.17 12.73
N ASP A 116 11.54 -2.59 13.77
CA ASP A 116 10.83 -3.29 14.87
C ASP A 116 10.19 -2.26 15.85
N ALA A 117 9.57 -2.75 16.93
CA ALA A 117 8.82 -1.83 17.81
C ALA A 117 9.71 -0.80 18.56
N THR A 118 11.02 -1.07 18.65
CA THR A 118 11.95 -0.10 19.26
C THR A 118 12.41 1.02 18.30
N GLY A 119 12.07 0.89 17.01
CA GLY A 119 12.58 1.82 15.99
C GLY A 119 13.82 1.27 15.25
N LYS A 120 14.40 0.17 15.75
CA LYS A 120 15.60 -0.44 15.10
C LYS A 120 15.28 -0.88 13.66
N VAL A 121 16.14 -0.53 12.70
CA VAL A 121 15.96 -0.99 11.30
C VAL A 121 16.31 -2.50 11.21
N ILE A 122 15.37 -3.29 10.69
CA ILE A 122 15.56 -4.73 10.46
C ILE A 122 15.49 -5.14 8.95
N GLY A 123 15.27 -4.16 8.08
CA GLY A 123 15.22 -4.46 6.66
C GLY A 123 14.82 -3.24 5.83
N ILE A 124 14.39 -3.54 4.60
CA ILE A 124 14.09 -2.49 3.60
C ILE A 124 13.07 -2.98 2.57
N VAL A 125 12.12 -2.10 2.18
CA VAL A 125 11.30 -2.38 0.99
C VAL A 125 11.66 -1.39 -0.14
N SER A 126 11.80 -1.92 -1.35
CA SER A 126 12.07 -1.10 -2.59
C SER A 126 11.02 -1.49 -3.65
N VAL A 127 10.28 -0.50 -4.12
CA VAL A 127 9.20 -0.69 -5.11
C VAL A 127 9.60 0.11 -6.35
N GLY A 128 9.80 -0.60 -7.48
CA GLY A 128 10.38 0.11 -8.65
C GLY A 128 9.74 -0.11 -10.01
N TYR A 129 10.09 0.79 -10.93
CA TYR A 129 9.49 0.91 -12.28
C TYR A 129 10.64 1.04 -13.26
N THR A 130 10.88 0.05 -14.13
CA THR A 130 11.99 0.22 -15.07
C THR A 130 11.71 1.39 -16.04
N ILE A 131 12.77 2.16 -16.34
CA ILE A 131 12.68 3.29 -17.27
C ILE A 131 12.17 2.91 -18.65
N GLU A 132 12.62 1.75 -19.15
CA GLU A 132 12.13 1.22 -20.45
C GLU A 132 10.59 1.17 -20.49
N GLN A 133 9.99 0.81 -19.36
CA GLN A 133 8.55 0.61 -19.27
C GLN A 133 7.74 1.89 -19.02
N LEU A 134 8.40 3.03 -18.78
CA LEU A 134 7.67 4.28 -18.58
C LEU A 134 7.13 4.81 -19.90
N GLU B 8 -7.69 12.50 -19.20
CA GLU B 8 -6.41 13.26 -19.13
C GLU B 8 -5.43 12.59 -18.12
N ARG B 9 -4.14 12.90 -18.27
CA ARG B 9 -3.09 12.26 -17.49
C ARG B 9 -3.22 12.46 -15.98
N LEU B 10 -3.63 13.64 -15.52
CA LEU B 10 -3.60 13.92 -14.06
C LEU B 10 -4.58 13.07 -13.27
N HIS B 11 -5.85 13.06 -13.69
CA HIS B 11 -6.85 12.24 -12.98
C HIS B 11 -6.68 10.72 -13.18
N TYR B 12 -6.08 10.30 -14.30
CA TYR B 12 -5.62 8.91 -14.45
C TYR B 12 -4.50 8.54 -13.46
N GLN B 13 -3.43 9.34 -13.44
CA GLN B 13 -2.29 9.11 -12.54
C GLN B 13 -2.67 9.13 -11.05
N VAL B 14 -3.48 10.11 -10.63
CA VAL B 14 -3.88 10.16 -9.24
C VAL B 14 -4.81 8.99 -8.92
N GLY B 15 -5.74 8.73 -9.85
CA GLY B 15 -6.65 7.57 -9.67
C GLY B 15 -5.91 6.22 -9.49
N GLN B 16 -4.84 6.04 -10.27
CA GLN B 16 -4.00 4.84 -10.17
C GLN B 16 -3.37 4.70 -8.76
N ARG B 17 -2.87 5.81 -8.21
CA ARG B 17 -2.28 5.84 -6.86
C ARG B 17 -3.38 5.50 -5.81
N ALA B 18 -4.58 6.06 -6.00
CA ALA B 18 -5.68 5.78 -5.06
C ALA B 18 -6.11 4.29 -5.08
N LEU B 19 -6.30 3.79 -6.30
CA LEU B 19 -6.72 2.40 -6.57
C LEU B 19 -5.72 1.36 -6.00
N ILE B 20 -4.44 1.55 -6.30
CA ILE B 20 -3.42 0.63 -5.77
C ILE B 20 -3.39 0.63 -4.22
N GLN B 21 -3.52 1.82 -3.57
CA GLN B 21 -3.62 1.81 -2.09
C GLN B 21 -4.87 1.03 -1.64
N ALA B 22 -6.02 1.28 -2.27
CA ALA B 22 -7.25 0.54 -1.83
C ALA B 22 -7.07 -0.98 -1.99
N MSE B 23 -6.51 -1.40 -3.12
CA MSE B 23 -6.31 -2.85 -3.40
C MSE B 23 -5.34 -3.51 -2.41
O MSE B 23 -5.59 -4.58 -1.86
CB MSE B 23 -5.95 -3.11 -4.88
CG MSE B 23 -6.97 -2.57 -5.83
SE MSE B 23 -6.50 -3.15 -7.71
CE MSE B 23 -6.74 -5.02 -7.69
N GLN B 24 -4.19 -2.86 -2.21
CA GLN B 24 -3.19 -3.32 -1.25
C GLN B 24 -3.70 -3.36 0.20
N ILE B 25 -4.24 -2.22 0.68
CA ILE B 25 -4.72 -2.17 2.06
C ILE B 25 -5.85 -3.19 2.34
N SER B 26 -6.81 -3.31 1.41
CA SER B 26 -7.96 -4.21 1.63
C SER B 26 -7.56 -5.67 1.69
N ALA B 27 -6.35 -6.00 1.21
CA ALA B 27 -5.84 -7.37 1.16
C ALA B 27 -4.98 -7.72 2.39
N MSE B 28 -4.73 -6.76 3.27
CA MSE B 28 -3.92 -7.04 4.47
C MSE B 28 -4.60 -8.05 5.38
O MSE B 28 -5.72 -7.79 5.84
CB MSE B 28 -3.68 -5.76 5.27
CG MSE B 28 -2.86 -4.79 4.55
SE MSE B 28 -2.60 -3.09 5.46
CE MSE B 28 -1.56 -2.69 4.43
N PRO B 29 -3.93 -9.21 5.65
CA PRO B 29 -4.53 -10.22 6.57
C PRO B 29 -4.96 -9.63 7.92
N GLU B 30 -4.15 -8.74 8.48
CA GLU B 30 -4.51 -8.04 9.73
C GLU B 30 -5.86 -7.30 9.67
N LEU B 31 -6.09 -6.60 8.55
CA LEU B 31 -7.35 -5.83 8.39
C LEU B 31 -8.54 -6.78 8.19
N VAL B 32 -8.36 -7.86 7.42
CA VAL B 32 -9.42 -8.84 7.20
C VAL B 32 -9.88 -9.36 8.56
N GLU B 33 -8.92 -9.74 9.40
CA GLU B 33 -9.25 -10.27 10.71
C GLU B 33 -9.93 -9.22 11.60
N ALA B 34 -9.40 -7.99 11.61
CA ALA B 34 -10.00 -6.91 12.46
C ALA B 34 -11.46 -6.63 12.05
N VAL B 35 -11.71 -6.64 10.74
CA VAL B 35 -13.09 -6.47 10.21
C VAL B 35 -14.02 -7.65 10.62
N GLN B 36 -13.56 -8.89 10.43
CA GLN B 36 -14.29 -10.09 10.93
C GLN B 36 -14.66 -10.00 12.41
N LYS B 37 -13.73 -9.50 13.22
CA LYS B 37 -13.99 -9.40 14.64
C LYS B 37 -14.79 -8.13 15.01
N ARG B 38 -15.05 -7.25 14.03
CA ARG B 38 -15.57 -5.89 14.32
C ARG B 38 -14.79 -5.17 15.46
N ASP B 39 -13.46 -5.21 15.37
CA ASP B 39 -12.61 -4.59 16.38
C ASP B 39 -12.23 -3.18 15.91
N LEU B 40 -13.01 -2.17 16.31
CA LEU B 40 -12.84 -0.81 15.79
C LEU B 40 -11.49 -0.18 16.17
N ALA B 41 -11.02 -0.45 17.40
CA ALA B 41 -9.71 0.03 17.85
C ALA B 41 -8.54 -0.54 17.04
N ARG B 42 -8.61 -1.84 16.74
CA ARG B 42 -7.58 -2.48 15.91
C ARG B 42 -7.61 -1.89 14.48
N ILE B 43 -8.80 -1.74 13.90
CA ILE B 43 -8.90 -1.04 12.57
C ILE B 43 -8.23 0.34 12.59
N LYS B 44 -8.53 1.15 13.61
CA LYS B 44 -7.88 2.47 13.75
C LYS B 44 -6.34 2.33 13.86
N ALA B 45 -5.87 1.36 14.66
CA ALA B 45 -4.41 1.16 14.82
C ALA B 45 -3.70 0.81 13.49
N LEU B 46 -4.42 0.14 12.59
CA LEU B 46 -3.88 -0.28 11.30
C LEU B 46 -3.94 0.87 10.26
N ILE B 47 -5.05 1.61 10.25
CA ILE B 47 -5.29 2.62 9.20
C ILE B 47 -4.69 4.00 9.50
N ASP B 48 -4.62 4.42 10.78
CA ASP B 48 -3.99 5.73 11.12
C ASP B 48 -2.56 5.84 10.49
N PRO B 49 -1.69 4.82 10.70
CA PRO B 49 -0.37 4.87 10.01
C PRO B 49 -0.46 4.86 8.45
N MSE B 50 -1.39 4.08 7.87
CA MSE B 50 -1.53 4.13 6.40
C MSE B 50 -1.87 5.55 5.89
O MSE B 50 -1.33 5.97 4.88
CB MSE B 50 -2.55 3.12 5.90
CG MSE B 50 -2.27 1.71 6.34
SE MSE B 50 -0.75 0.87 5.40
CE MSE B 50 0.57 1.10 6.49
N ARG B 51 -2.78 6.28 6.57
CA ARG B 51 -3.05 7.69 6.22
C ARG B 51 -1.83 8.59 6.41
N SER B 52 -1.10 8.39 7.51
CA SER B 52 0.16 9.15 7.76
C SER B 52 1.14 9.11 6.58
N PHE B 53 1.26 7.92 5.97
CA PHE B 53 2.25 7.68 4.89
C PHE B 53 1.64 7.87 3.47
N SER B 54 0.52 8.57 3.40
CA SER B 54 -0.13 8.87 2.10
C SER B 54 -0.49 10.34 1.95
N ASP B 55 -0.53 10.80 0.71
CA ASP B 55 -1.06 12.15 0.44
C ASP B 55 -2.58 12.19 0.16
N ALA B 56 -3.26 11.03 0.29
CA ALA B 56 -4.72 10.97 0.18
C ALA B 56 -5.37 11.97 1.15
N THR B 57 -6.51 12.54 0.76
CA THR B 57 -7.28 13.38 1.71
C THR B 57 -7.90 12.49 2.83
N TYR B 58 -8.37 11.29 2.46
CA TYR B 58 -8.97 10.37 3.44
C TYR B 58 -8.84 8.87 3.07
N ILE B 59 -9.06 8.04 4.10
CA ILE B 59 -9.26 6.60 3.90
C ILE B 59 -10.47 6.24 4.75
N THR B 60 -11.49 5.64 4.12
CA THR B 60 -12.67 5.09 4.82
C THR B 60 -12.65 3.54 4.77
N VAL B 61 -13.02 2.88 5.89
CA VAL B 61 -13.32 1.42 5.92
C VAL B 61 -14.80 1.23 6.25
N GLY B 62 -15.48 0.44 5.44
CA GLY B 62 -16.92 0.11 5.69
C GLY B 62 -17.10 -1.39 5.91
N ASP B 63 -18.20 -1.78 6.60
CA ASP B 63 -18.56 -3.19 6.64
C ASP B 63 -19.35 -3.65 5.38
N ALA B 64 -19.87 -4.88 5.43
CA ALA B 64 -20.48 -5.51 4.25
C ALA B 64 -21.72 -4.75 3.74
N SER B 65 -22.32 -3.91 4.60
CA SER B 65 -23.51 -3.14 4.22
C SER B 65 -23.17 -1.65 3.98
N GLY B 66 -21.89 -1.30 4.05
CA GLY B 66 -21.47 0.06 3.75
C GLY B 66 -21.64 1.01 4.93
N GLN B 67 -21.78 0.44 6.13
CA GLN B 67 -21.73 1.25 7.35
C GLN B 67 -20.27 1.53 7.73
N ARG B 68 -19.94 2.76 8.13
CA ARG B 68 -18.52 3.09 8.40
C ARG B 68 -17.98 2.44 9.68
N LEU B 69 -16.87 1.71 9.52
CA LEU B 69 -16.10 1.17 10.65
C LEU B 69 -14.94 2.13 11.05
N TYR B 70 -14.55 3.02 10.13
CA TYR B 70 -13.42 3.95 10.31
C TYR B 70 -13.62 5.12 9.33
N HIS B 71 -13.48 6.34 9.84
CA HIS B 71 -13.54 7.59 9.05
C HIS B 71 -12.56 8.60 9.66
N VAL B 72 -12.07 9.55 8.87
CA VAL B 72 -11.16 10.57 9.43
C VAL B 72 -11.83 11.33 10.60
N ASN B 73 -13.14 11.50 10.52
N ASN B 73 -13.14 11.54 10.52
CA ASN B 73 -13.95 12.18 11.55
CA ASN B 73 -13.92 12.18 11.60
C ASN B 73 -14.71 11.13 12.37
C ASN B 73 -14.68 11.10 12.37
N PRO B 74 -14.34 10.91 13.66
CA PRO B 74 -14.98 9.84 14.47
C PRO B 74 -16.50 9.91 14.55
N ASP B 75 -17.06 11.13 14.45
CA ASP B 75 -18.52 11.34 14.49
C ASP B 75 -19.25 10.67 13.31
N GLU B 76 -18.47 10.35 12.26
CA GLU B 76 -19.01 9.70 11.05
C GLU B 76 -19.01 8.16 11.12
N ILE B 77 -18.32 7.60 12.13
CA ILE B 77 -18.33 6.14 12.34
C ILE B 77 -19.74 5.69 12.81
N GLY B 78 -20.21 4.55 12.31
CA GLY B 78 -21.55 4.06 12.64
C GLY B 78 -22.65 4.64 11.77
N LYS B 79 -22.28 5.49 10.81
CA LYS B 79 -23.20 6.01 9.79
C LYS B 79 -22.90 5.43 8.37
N SER B 80 -23.85 5.58 7.44
CA SER B 80 -23.68 5.04 6.09
C SER B 80 -22.66 5.84 5.25
N MSE B 81 -21.84 5.12 4.46
CA MSE B 81 -20.94 5.81 3.51
C MSE B 81 -21.79 6.65 2.55
O MSE B 81 -22.96 6.30 2.26
CB MSE B 81 -20.04 4.76 2.76
CG MSE B 81 -19.05 4.01 3.66
SE MSE B 81 -18.29 2.48 2.85
CE MSE B 81 -17.04 3.44 1.48
N GLU B 82 -21.21 7.76 2.06
CA GLU B 82 -21.90 8.75 1.21
C GLU B 82 -21.32 8.84 -0.22
N GLY B 83 -22.22 8.96 -1.21
CA GLY B 83 -21.84 9.12 -2.62
C GLY B 83 -22.52 8.16 -3.62
N GLY B 84 -22.97 6.99 -3.13
CA GLY B 84 -23.76 6.05 -3.93
C GLY B 84 -22.97 5.13 -4.86
N ASP B 85 -21.66 5.01 -4.63
CA ASP B 85 -20.78 4.28 -5.53
C ASP B 85 -19.99 3.14 -4.86
N SER B 86 -20.61 2.47 -3.88
CA SER B 86 -19.97 1.33 -3.18
C SER B 86 -20.46 -0.06 -3.60
N ASP B 87 -21.64 -0.14 -4.23
CA ASP B 87 -22.21 -1.45 -4.56
C ASP B 87 -21.39 -2.32 -5.52
N GLU B 88 -20.65 -1.70 -6.47
CA GLU B 88 -19.86 -2.52 -7.38
C GLU B 88 -18.77 -3.35 -6.64
N ALA B 89 -18.21 -2.76 -5.57
CA ALA B 89 -17.30 -3.48 -4.70
C ALA B 89 -18.05 -4.41 -3.73
N LEU B 90 -19.08 -3.89 -3.07
CA LEU B 90 -19.80 -4.67 -2.01
C LEU B 90 -20.58 -5.89 -2.54
N ILE B 91 -21.15 -5.75 -3.73
CA ILE B 91 -21.95 -6.80 -4.35
C ILE B 91 -21.12 -7.59 -5.34
N ASN B 92 -20.43 -6.90 -6.27
CA ASN B 92 -19.68 -7.58 -7.33
C ASN B 92 -18.18 -7.85 -7.11
N ALA B 93 -17.65 -7.41 -5.95
CA ALA B 93 -16.22 -7.62 -5.61
C ALA B 93 -15.25 -6.99 -6.60
N LYS B 94 -15.69 -5.96 -7.32
CA LYS B 94 -14.83 -5.21 -8.23
C LYS B 94 -13.97 -4.15 -7.54
N SER B 95 -12.83 -3.83 -8.16
CA SER B 95 -11.96 -2.71 -7.72
C SER B 95 -11.93 -1.65 -8.83
N TYR B 96 -12.07 -0.38 -8.46
CA TYR B 96 -12.31 0.64 -9.50
C TYR B 96 -12.09 2.05 -8.97
N VAL B 97 -11.98 3.01 -9.91
CA VAL B 97 -11.97 4.44 -9.57
C VAL B 97 -13.37 5.08 -9.83
N SER B 98 -13.74 6.07 -9.02
CA SER B 98 -15.05 6.72 -9.09
C SER B 98 -14.92 8.18 -8.62
N VAL B 99 -15.81 9.05 -9.10
CA VAL B 99 -15.86 10.44 -8.59
C VAL B 99 -17.30 10.71 -8.09
N ARG B 100 -17.40 11.14 -6.83
CA ARG B 100 -18.69 11.49 -6.17
C ARG B 100 -18.45 12.51 -5.05
N LYS B 101 -19.55 13.08 -4.58
CA LYS B 101 -19.54 14.02 -3.45
C LYS B 101 -19.90 13.24 -2.17
N GLY B 102 -18.90 13.07 -1.31
CA GLY B 102 -19.08 12.44 0.04
C GLY B 102 -19.25 13.51 1.13
N SER B 103 -19.12 13.14 2.40
CA SER B 103 -19.24 14.11 3.50
C SER B 103 -18.18 15.23 3.45
N LEU B 104 -17.03 14.95 2.80
CA LEU B 104 -15.88 15.88 2.77
C LEU B 104 -15.85 16.72 1.48
N GLY B 105 -16.87 16.57 0.62
CA GLY B 105 -16.94 17.31 -0.65
C GLY B 105 -16.59 16.44 -1.85
N SER B 106 -16.52 17.03 -3.04
CA SER B 106 -16.28 16.18 -4.23
C SER B 106 -14.86 15.60 -4.25
N SER B 107 -14.75 14.29 -4.54
CA SER B 107 -13.45 13.60 -4.53
C SER B 107 -13.35 12.48 -5.57
N LEU B 108 -12.11 12.20 -5.97
CA LEU B 108 -11.75 11.03 -6.80
C LEU B 108 -11.33 9.94 -5.84
N ARG B 109 -11.96 8.78 -5.92
CA ARG B 109 -11.61 7.71 -4.98
C ARG B 109 -11.40 6.33 -5.65
N GLY B 110 -10.45 5.57 -5.09
CA GLY B 110 -10.20 4.19 -5.53
C GLY B 110 -10.85 3.29 -4.49
N LYS B 111 -11.56 2.24 -4.92
CA LYS B 111 -12.27 1.36 -3.96
C LYS B 111 -12.01 -0.09 -4.24
N SER B 112 -11.99 -0.90 -3.16
CA SER B 112 -11.72 -2.37 -3.33
C SER B 112 -12.39 -3.12 -2.18
N PRO B 113 -12.97 -4.29 -2.47
CA PRO B 113 -13.61 -5.06 -1.37
C PRO B 113 -12.61 -5.65 -0.39
N ILE B 114 -13.04 -5.88 0.87
CA ILE B 114 -12.32 -6.72 1.81
C ILE B 114 -13.06 -8.07 1.81
N GLN B 115 -12.32 -9.18 1.70
CA GLN B 115 -12.91 -10.51 1.53
C GLN B 115 -12.32 -11.54 2.50
N ASP B 116 -13.17 -12.46 2.99
CA ASP B 116 -12.67 -13.53 3.89
C ASP B 116 -12.03 -14.71 3.11
N ALA B 117 -11.63 -15.77 3.82
CA ALA B 117 -10.96 -16.91 3.20
C ALA B 117 -11.78 -17.62 2.10
N THR B 118 -13.09 -17.47 2.13
CA THR B 118 -13.95 -18.09 1.08
C THR B 118 -14.16 -17.19 -0.16
N GLY B 119 -13.75 -15.93 -0.07
CA GLY B 119 -14.01 -14.98 -1.14
C GLY B 119 -15.21 -14.08 -0.86
N LYS B 120 -16.01 -14.42 0.16
CA LYS B 120 -17.16 -13.58 0.60
C LYS B 120 -16.74 -12.12 0.94
N VAL B 121 -17.49 -11.13 0.43
CA VAL B 121 -17.19 -9.71 0.76
C VAL B 121 -17.66 -9.39 2.20
N ILE B 122 -16.73 -8.90 3.01
CA ILE B 122 -17.01 -8.55 4.41
C ILE B 122 -16.82 -7.04 4.71
N GLY B 123 -16.44 -6.28 3.69
CA GLY B 123 -16.15 -4.88 3.91
C GLY B 123 -15.64 -4.20 2.64
N ILE B 124 -15.12 -3.00 2.81
CA ILE B 124 -14.65 -2.19 1.67
C ILE B 124 -13.64 -1.16 2.15
N VAL B 125 -12.63 -0.88 1.31
CA VAL B 125 -11.74 0.24 1.57
C VAL B 125 -11.89 1.26 0.44
N SER B 126 -11.97 2.55 0.81
CA SER B 126 -12.07 3.69 -0.13
C SER B 126 -10.97 4.71 0.19
N VAL B 127 -10.15 5.07 -0.80
CA VAL B 127 -9.02 5.98 -0.60
C VAL B 127 -9.24 7.15 -1.57
N GLY B 128 -9.36 8.38 -1.03
CA GLY B 128 -9.84 9.51 -1.89
C GLY B 128 -9.04 10.80 -1.80
N TYR B 129 -9.17 11.57 -2.89
CA TYR B 129 -8.45 12.85 -3.10
C TYR B 129 -9.48 13.89 -3.52
N THR B 130 -9.69 14.94 -2.73
CA THR B 130 -10.65 15.97 -3.15
C THR B 130 -10.19 16.66 -4.45
N ILE B 131 -11.14 17.05 -5.28
CA ILE B 131 -10.85 17.69 -6.58
C ILE B 131 -10.21 19.04 -6.33
CAC FLC C . 16.64 -4.94 -9.35
CA FLC C . 15.92 -4.18 -8.25
CB FLC C . 16.91 -3.76 -7.16
CBC FLC C . 17.52 -5.03 -6.50
CG FLC C . 16.13 -2.89 -6.15
CGC FLC C . 16.97 -2.15 -5.14
OA1 FLC C . 16.78 -4.40 -10.48
OA2 FLC C . 17.12 -6.09 -9.16
OB1 FLC C . 16.81 -5.87 -5.87
OB2 FLC C . 18.77 -5.24 -6.60
OG1 FLC C . 16.44 -1.17 -4.51
OG2 FLC C . 18.17 -2.51 -4.93
OHB FLC C . 17.94 -2.95 -7.83
NA NA D . 9.03 2.28 6.61
S SO4 E . 18.41 0.21 -19.43
O1 SO4 E . 19.34 1.28 -19.05
O2 SO4 E . 18.30 -0.77 -18.35
O3 SO4 E . 17.09 0.71 -19.83
O4 SO4 E . 19.02 -0.46 -20.58
C1 GOL F . 8.12 6.85 7.05
O1 GOL F . 8.98 7.54 7.94
C2 GOL F . 8.10 5.34 7.33
O2 GOL F . 9.38 4.69 7.25
C3 GOL F . 7.14 4.67 6.36
O3 GOL F . 6.89 3.34 6.78
CAC FLC G . -16.80 6.77 0.34
CA FLC G . -15.90 7.74 1.05
CB FLC G . -16.62 8.96 1.68
CBC FLC G . -17.39 8.50 2.94
CG FLC G . -15.54 9.96 2.10
CGC FLC G . -16.20 11.24 2.63
OA1 FLC G . -16.28 5.96 -0.51
OA2 FLC G . -18.02 6.70 0.59
OB1 FLC G . -18.63 8.64 3.05
OB2 FLC G . -16.77 7.96 3.93
OG1 FLC G . -16.17 12.30 1.92
OG2 FLC G . -16.79 11.23 3.74
OHB FLC G . -17.50 9.59 0.69
NA NA H . -9.59 -6.08 -2.30
C1 GOL I . -7.45 -6.42 -4.53
O1 GOL I . -7.37 -6.51 -3.10
C2 GOL I . -8.55 -7.31 -5.14
O2 GOL I . -9.84 -6.99 -4.62
C3 GOL I . -8.49 -7.13 -6.66
O3 GOL I . -9.20 -8.15 -7.33
#